data_5A7H
#
_entry.id   5A7H
#
_cell.length_a   115.470
_cell.length_b   115.470
_cell.length_c   127.280
_cell.angle_alpha   90.00
_cell.angle_beta   90.00
_cell.angle_gamma   120.00
#
_symmetry.space_group_name_H-M   'H 3'
#
loop_
_entity.id
_entity.type
_entity.pdbx_description
1 polymer 'LIVER CARBOXYLESTERASE 1'
2 non-polymer 'IODIDE ION'
3 water water
#
_entity_poly.entity_id   1
_entity_poly.type   'polypeptide(L)'
_entity_poly.pdbx_seq_one_letter_code
;SPPVVDTVHGKVLGKFVSLEGFAQPVAIFLGIPFAKPPLGPLRFTPPQPAEPWSFVKQATSYPPMCTQDPKAGQLLSELF
TNRKENIPLKLSEDCLYLNIYTPADLTKKNRLPVMVWIHGGGLMVGAASTYDGLALAAHENVVVVTIQYRLGIWGFFSTG
DEHSRGNWGHLDQVAALRWVQDNIASFGGNPGSVTIFGESAGGESVSVLVLSPLAKNLFHRAISESGVALTSVLVKKGDV
KPLAEQIAITAGCKTTTSAVMVHCLRQKTEEELLETTLKMKFLSLDLQGDPRESQPLLGTVIDGMLLLKTPEELQAERNF
HTVPYMVGINKQEFGWLIPMLMSYPLSEGQLDQKTAMSLLWKSYPLVCIAKELIPEATEKYLGGTDDTVKKKDLFLDLIA
DVMFGVPSVIVARNHRDAGAPTYMYEFQYRPSFSSDMKPKTVIGDHGDELFSVFGAPFLKEGASEEEIRLSKMVMKFWAN
FARNGNPNGEGLPHWPEYNQKEGYLQIGANTQAAQKLKDKEVAFWTNLFAK
;
_entity_poly.pdbx_strand_id   A
#
loop_
_chem_comp.id
_chem_comp.type
_chem_comp.name
_chem_comp.formula
IOD non-polymer 'IODIDE ION' 'I -1'
#
# COMPACT_ATOMS: atom_id res chain seq x y z
N SER A 1 -25.94 -18.44 -3.66
CA SER A 1 -26.46 -18.22 -5.05
C SER A 1 -26.44 -19.40 -6.06
N PRO A 2 -25.87 -20.60 -5.70
CA PRO A 2 -25.49 -21.20 -4.41
C PRO A 2 -24.00 -21.64 -4.14
N PRO A 3 -22.98 -20.89 -4.59
CA PRO A 3 -21.63 -21.51 -4.53
C PRO A 3 -21.08 -21.74 -3.08
N VAL A 4 -20.73 -23.00 -2.75
CA VAL A 4 -20.25 -23.38 -1.41
C VAL A 4 -18.91 -24.06 -1.55
N VAL A 5 -17.93 -23.59 -0.79
CA VAL A 5 -16.57 -24.05 -0.90
C VAL A 5 -16.07 -24.46 0.45
N ASP A 6 -15.26 -25.52 0.50
CA ASP A 6 -14.68 -26.01 1.74
C ASP A 6 -13.23 -25.63 1.85
N THR A 7 -12.92 -24.87 2.90
CA THR A 7 -11.61 -24.43 3.22
C THR A 7 -11.07 -25.33 4.34
N VAL A 8 -9.79 -25.21 4.63
CA VAL A 8 -9.15 -26.04 5.65
C VAL A 8 -9.91 -26.02 6.98
N HIS A 9 -10.47 -24.86 7.35
CA HIS A 9 -11.19 -24.72 8.61
C HIS A 9 -12.70 -24.83 8.52
N GLY A 10 -13.25 -25.00 7.31
CA GLY A 10 -14.69 -25.20 7.12
C GLY A 10 -15.28 -24.56 5.88
N LYS A 11 -16.58 -24.77 5.73
CA LYS A 11 -17.29 -24.37 4.53
C LYS A 11 -17.66 -22.91 4.57
N VAL A 12 -17.61 -22.28 3.39
CA VAL A 12 -18.14 -20.93 3.21
C VAL A 12 -19.10 -20.84 2.05
N LEU A 13 -20.07 -19.95 2.18
CA LEU A 13 -21.04 -19.69 1.16
C LEU A 13 -20.82 -18.28 0.65
N GLY A 14 -20.69 -18.16 -0.66
CA GLY A 14 -20.52 -16.87 -1.32
C GLY A 14 -21.75 -16.52 -2.14
N LYS A 15 -21.57 -15.67 -3.15
CA LYS A 15 -22.64 -15.32 -4.04
C LYS A 15 -22.10 -15.06 -5.45
N PHE A 16 -23.02 -15.07 -6.43
CA PHE A 16 -22.67 -14.76 -7.82
C PHE A 16 -22.95 -13.32 -8.15
N VAL A 17 -22.05 -12.71 -8.90
CA VAL A 17 -22.34 -11.43 -9.52
C VAL A 17 -21.83 -11.51 -10.95
N SER A 18 -22.68 -11.08 -11.88
CA SER A 18 -22.31 -11.04 -13.29
C SER A 18 -21.83 -9.64 -13.63
N LEU A 19 -20.89 -9.57 -14.55
CA LEU A 19 -20.40 -8.30 -15.05
C LEU A 19 -20.82 -8.24 -16.52
N GLU A 20 -21.26 -7.09 -16.99
CA GLU A 20 -21.59 -6.92 -18.41
C GLU A 20 -20.44 -7.35 -19.31
N GLY A 21 -20.80 -8.08 -20.35
CA GLY A 21 -19.84 -8.61 -21.31
C GLY A 21 -19.21 -9.90 -20.85
N PHE A 22 -19.75 -10.53 -19.82
CA PHE A 22 -19.15 -11.73 -19.28
C PHE A 22 -20.23 -12.71 -18.87
N ALA A 23 -20.25 -13.86 -19.52
CA ALA A 23 -21.35 -14.81 -19.33
C ALA A 23 -21.24 -15.53 -17.97
N GLN A 24 -20.05 -16.02 -17.67
CA GLN A 24 -19.81 -16.70 -16.38
C GLN A 24 -19.82 -15.65 -15.26
N PRO A 25 -20.81 -15.72 -14.36
CA PRO A 25 -20.73 -14.81 -13.21
C PRO A 25 -19.50 -15.08 -12.34
N VAL A 26 -19.04 -14.03 -11.67
CA VAL A 26 -17.95 -14.14 -10.72
C VAL A 26 -18.49 -14.58 -9.33
N ALA A 27 -17.88 -15.60 -8.74
CA ALA A 27 -18.19 -16.05 -7.38
C ALA A 27 -17.43 -15.16 -6.39
N ILE A 28 -18.17 -14.52 -5.49
CA ILE A 28 -17.62 -13.57 -4.50
C ILE A 28 -17.86 -14.09 -3.10
N PHE A 29 -16.81 -14.09 -2.28
CA PHE A 29 -16.82 -14.60 -0.91
C PHE A 29 -16.29 -13.49 -0.05
N LEU A 30 -17.15 -12.91 0.76
CA LEU A 30 -16.78 -11.73 1.57
C LEU A 30 -16.59 -12.10 3.04
N GLY A 31 -15.55 -11.54 3.65
CA GLY A 31 -15.32 -11.73 5.08
C GLY A 31 -14.93 -13.12 5.45
N ILE A 32 -13.95 -13.67 4.74
CA ILE A 32 -13.38 -14.94 5.16
C ILE A 32 -12.28 -14.73 6.21
N PRO A 33 -12.36 -15.41 7.37
CA PRO A 33 -11.30 -15.21 8.39
C PRO A 33 -10.06 -15.98 8.01
N PHE A 34 -8.90 -15.35 8.15
CA PHE A 34 -7.62 -16.01 7.94
C PHE A 34 -6.80 -16.19 9.23
N ALA A 35 -7.33 -15.72 10.34
CA ALA A 35 -6.71 -15.79 11.65
C ALA A 35 -7.77 -15.79 12.73
N LYS A 36 -7.37 -16.23 13.93
CA LYS A 36 -8.14 -15.96 15.15
C LYS A 36 -8.23 -14.45 15.36
N PRO A 37 -9.41 -13.94 15.79
CA PRO A 37 -9.45 -12.50 16.01
C PRO A 37 -8.50 -12.06 17.13
N PRO A 38 -7.73 -10.98 16.88
CA PRO A 38 -6.61 -10.62 17.74
C PRO A 38 -7.00 -9.79 18.97
N LEU A 39 -7.89 -10.37 19.78
CA LEU A 39 -8.54 -9.68 20.90
C LEU A 39 -7.84 -9.97 22.23
N GLY A 40 -8.13 -9.09 23.20
CA GLY A 40 -7.63 -9.23 24.56
C GLY A 40 -6.15 -9.45 24.65
N PRO A 41 -5.73 -10.65 25.15
CA PRO A 41 -4.31 -10.95 25.24
C PRO A 41 -3.64 -11.15 23.89
N LEU A 42 -4.40 -11.27 22.80
CA LEU A 42 -3.74 -11.49 21.49
C LEU A 42 -3.35 -10.16 20.81
N ARG A 43 -3.65 -9.04 21.45
CA ARG A 43 -3.24 -7.73 20.94
C ARG A 43 -1.72 -7.60 21.08
N PHE A 44 -1.08 -7.00 20.10
CA PHE A 44 0.38 -6.86 20.09
C PHE A 44 1.03 -8.24 20.13
N THR A 45 0.38 -9.23 19.54
CA THR A 45 1.01 -10.55 19.27
C THR A 45 0.76 -10.98 17.82
N PRO A 46 1.57 -11.95 17.32
CA PRO A 46 1.39 -12.48 15.97
C PRO A 46 0.02 -13.09 15.79
N PRO A 47 -0.54 -13.05 14.56
CA PRO A 47 -1.81 -13.72 14.33
C PRO A 47 -1.71 -15.23 14.51
N GLN A 48 -2.79 -15.81 15.03
CA GLN A 48 -2.93 -17.24 15.19
C GLN A 48 -3.92 -17.72 14.15
N PRO A 49 -3.76 -18.97 13.71
CA PRO A 49 -4.73 -19.59 12.78
C PRO A 49 -6.17 -19.47 13.34
N ALA A 50 -7.14 -19.26 12.47
CA ALA A 50 -8.55 -19.24 12.84
C ALA A 50 -8.94 -20.62 13.40
N GLU A 51 -9.82 -20.60 14.39
CA GLU A 51 -10.41 -21.83 14.93
C GLU A 51 -11.37 -22.43 13.90
N PRO A 52 -11.46 -23.76 13.82
CA PRO A 52 -12.39 -24.34 12.86
C PRO A 52 -13.89 -24.14 13.15
N TRP A 53 -14.69 -24.12 12.10
CA TRP A 53 -16.14 -24.03 12.28
C TRP A 53 -16.87 -25.19 11.64
N SER A 54 -18.01 -25.49 12.25
CA SER A 54 -18.98 -26.46 11.80
C SER A 54 -20.00 -25.80 10.91
N PHE A 55 -20.60 -26.56 10.02
CA PHE A 55 -21.70 -26.05 9.20
C PHE A 55 -21.14 -25.04 8.21
N VAL A 56 -21.98 -24.21 7.62
CA VAL A 56 -21.58 -23.37 6.49
C VAL A 56 -21.56 -21.93 6.92
N LYS A 57 -20.37 -21.31 6.91
CA LYS A 57 -20.25 -19.88 7.29
C LYS A 57 -20.74 -18.99 6.17
N GLN A 58 -21.56 -17.99 6.48
CA GLN A 58 -22.05 -17.05 5.47
C GLN A 58 -20.95 -16.07 5.07
N ALA A 59 -20.51 -16.11 3.81
CA ALA A 59 -19.50 -15.14 3.35
C ALA A 59 -20.05 -14.21 2.29
N THR A 60 -21.05 -13.42 2.70
CA THR A 60 -21.78 -12.55 1.81
C THR A 60 -21.88 -11.12 2.30
N SER A 61 -21.26 -10.85 3.44
CA SER A 61 -21.21 -9.53 4.07
C SER A 61 -19.76 -9.01 4.13
N TYR A 62 -19.55 -7.75 3.79
CA TYR A 62 -18.26 -7.14 4.00
C TYR A 62 -17.91 -7.14 5.48
N PRO A 63 -16.67 -7.44 5.81
CA PRO A 63 -16.33 -7.54 7.21
C PRO A 63 -16.07 -6.14 7.74
N PRO A 64 -15.92 -6.00 9.04
CA PRO A 64 -15.48 -4.70 9.57
C PRO A 64 -14.07 -4.35 9.08
N MET A 65 -13.71 -3.08 9.12
CA MET A 65 -12.37 -2.69 8.82
C MET A 65 -11.69 -2.54 10.17
N CYS A 66 -10.39 -2.80 10.17
CA CYS A 66 -9.61 -2.74 11.41
C CYS A 66 -9.72 -1.38 12.02
N THR A 67 -9.70 -1.35 13.33
CA THR A 67 -9.89 -0.06 14.05
C THR A 67 -8.95 1.04 13.58
N GLN A 68 -9.52 2.23 13.42
CA GLN A 68 -8.84 3.37 12.76
C GLN A 68 -9.73 4.61 12.90
N ASP A 69 -9.19 5.77 12.57
CA ASP A 69 -9.98 7.01 12.56
C ASP A 69 -11.07 6.86 11.50
N PRO A 70 -12.35 6.79 11.93
CA PRO A 70 -13.47 6.56 11.03
C PRO A 70 -13.68 7.67 10.03
N LYS A 71 -13.29 8.89 10.40
CA LYS A 71 -13.44 10.04 9.52
C LYS A 71 -12.39 9.99 8.39
N ALA A 72 -11.13 9.76 8.74
CA ALA A 72 -10.05 9.67 7.71
C ALA A 72 -10.21 8.39 6.89
N GLY A 73 -10.58 7.30 7.53
CA GLY A 73 -10.82 6.04 6.84
C GLY A 73 -11.86 6.10 5.75
N GLN A 74 -13.02 6.66 6.08
CA GLN A 74 -14.13 6.76 5.14
C GLN A 74 -13.83 7.74 4.02
N LEU A 75 -13.18 8.84 4.37
CA LEU A 75 -12.75 9.83 3.39
C LEU A 75 -11.77 9.18 2.38
N LEU A 76 -10.84 8.36 2.87
CA LEU A 76 -9.92 7.67 1.97
C LEU A 76 -10.61 6.60 1.11
N SER A 77 -11.51 5.82 1.71
CA SER A 77 -12.24 4.81 0.96
C SER A 77 -13.06 5.46 -0.16
N GLU A 78 -13.63 6.61 0.15
CA GLU A 78 -14.41 7.35 -0.88
C GLU A 78 -13.55 7.81 -2.05
N LEU A 79 -12.33 8.24 -1.77
CA LEU A 79 -11.48 8.76 -2.84
C LEU A 79 -10.82 7.66 -3.62
N PHE A 80 -10.63 6.48 -3.02
CA PHE A 80 -9.94 5.36 -3.67
C PHE A 80 -10.84 4.26 -4.22
N THR A 81 -12.15 4.27 -3.91
CA THR A 81 -12.99 3.12 -4.23
C THR A 81 -13.22 3.07 -5.75
N ASN A 82 -13.26 1.86 -6.32
CA ASN A 82 -13.63 1.69 -7.72
C ASN A 82 -15.13 1.41 -7.88
N ARG A 83 -15.91 1.54 -6.81
CA ARG A 83 -17.39 1.33 -6.86
C ARG A 83 -18.15 2.61 -7.14
N LYS A 84 -19.39 2.49 -7.65
CA LYS A 84 -20.25 3.65 -7.88
C LYS A 84 -20.49 4.34 -6.57
N GLU A 85 -20.67 3.53 -5.53
CA GLU A 85 -20.94 4.08 -4.22
C GLU A 85 -20.09 3.42 -3.15
N ASN A 86 -19.46 4.26 -2.35
CA ASN A 86 -18.63 3.77 -1.27
C ASN A 86 -19.49 3.01 -0.29
N ILE A 87 -18.96 1.92 0.23
CA ILE A 87 -19.68 1.07 1.21
C ILE A 87 -19.24 1.44 2.62
N PRO A 88 -20.15 2.02 3.41
CA PRO A 88 -19.74 2.40 4.76
C PRO A 88 -19.41 1.15 5.57
N LEU A 89 -18.29 1.15 6.28
CA LEU A 89 -17.90 -0.03 7.02
C LEU A 89 -17.96 0.20 8.54
N LYS A 90 -18.10 -0.89 9.30
CA LYS A 90 -17.93 -0.92 10.75
C LYS A 90 -16.46 -1.08 11.15
N LEU A 91 -16.12 -0.53 12.30
CA LEU A 91 -14.79 -0.61 12.89
C LEU A 91 -14.76 -1.72 13.87
N SER A 92 -13.69 -2.51 13.90
CA SER A 92 -13.51 -3.52 14.94
C SER A 92 -12.05 -3.93 15.02
N GLU A 93 -11.62 -4.41 16.19
CA GLU A 93 -10.33 -5.10 16.33
C GLU A 93 -10.45 -6.47 15.68
N ASP A 94 -11.69 -6.95 15.57
CA ASP A 94 -11.99 -8.20 14.91
C ASP A 94 -12.08 -7.93 13.43
N CYS A 95 -10.93 -7.97 12.74
CA CYS A 95 -10.79 -7.44 11.37
C CYS A 95 -9.88 -8.25 10.42
N LEU A 96 -9.41 -9.41 10.85
CA LEU A 96 -8.49 -10.20 10.02
C LEU A 96 -9.24 -11.11 9.06
N TYR A 97 -9.76 -10.46 8.04
CA TYR A 97 -10.63 -11.12 7.04
C TYR A 97 -10.07 -10.83 5.69
N LEU A 98 -10.44 -11.66 4.73
CA LEU A 98 -10.13 -11.37 3.32
C LEU A 98 -11.33 -11.64 2.46
N ASN A 99 -11.40 -10.95 1.31
CA ASN A 99 -12.50 -11.03 0.36
C ASN A 99 -11.96 -11.59 -0.94
N ILE A 100 -12.73 -12.47 -1.58
CA ILE A 100 -12.28 -13.20 -2.76
C ILE A 100 -13.25 -12.99 -3.91
N TYR A 101 -12.69 -12.79 -5.11
CA TYR A 101 -13.45 -12.65 -6.35
C TYR A 101 -12.82 -13.63 -7.30
N THR A 102 -13.48 -14.78 -7.53
CA THR A 102 -12.95 -15.75 -8.48
C THR A 102 -13.90 -15.87 -9.67
N PRO A 103 -13.37 -15.70 -10.90
CA PRO A 103 -14.22 -15.75 -12.10
C PRO A 103 -14.39 -17.18 -12.62
N ALA A 104 -13.79 -18.14 -11.93
CA ALA A 104 -13.81 -19.55 -12.31
C ALA A 104 -15.17 -20.21 -12.11
N ASP A 105 -15.44 -21.22 -12.95
CA ASP A 105 -16.54 -22.13 -12.77
C ASP A 105 -16.07 -23.13 -11.74
N LEU A 106 -16.58 -23.01 -10.52
CA LEU A 106 -16.08 -23.87 -9.43
C LEU A 106 -16.57 -25.31 -9.56
N THR A 107 -17.58 -25.55 -10.39
CA THR A 107 -17.99 -26.94 -10.68
C THR A 107 -16.93 -27.60 -11.58
N LYS A 108 -16.23 -26.77 -12.37
CA LYS A 108 -15.19 -27.25 -13.28
C LYS A 108 -13.78 -27.06 -12.72
N LYS A 109 -12.81 -27.61 -13.45
CA LYS A 109 -11.40 -27.59 -13.07
C LYS A 109 -10.72 -26.27 -13.46
N ASN A 110 -10.12 -25.59 -12.49
CA ASN A 110 -9.41 -24.33 -12.73
C ASN A 110 -8.15 -24.19 -11.87
N ARG A 111 -7.18 -23.44 -12.38
CA ARG A 111 -5.91 -23.26 -11.71
C ARG A 111 -5.39 -21.89 -12.18
N LEU A 112 -6.19 -20.85 -11.89
CA LEU A 112 -5.99 -19.49 -12.37
C LEU A 112 -4.90 -18.72 -11.59
N PRO A 113 -4.33 -17.66 -12.21
CA PRO A 113 -3.40 -16.87 -11.40
C PRO A 113 -4.13 -16.12 -10.29
N VAL A 114 -3.41 -15.87 -9.19
CA VAL A 114 -3.99 -15.23 -8.00
C VAL A 114 -3.28 -13.91 -7.75
N MET A 115 -4.05 -12.84 -7.65
CA MET A 115 -3.49 -11.54 -7.36
C MET A 115 -3.99 -11.10 -5.98
N VAL A 116 -3.07 -10.94 -5.05
CA VAL A 116 -3.40 -10.56 -3.67
C VAL A 116 -3.10 -9.09 -3.42
N TRP A 117 -4.17 -8.33 -3.25
CA TRP A 117 -4.08 -6.90 -3.08
C TRP A 117 -3.88 -6.54 -1.64
N ILE A 118 -2.95 -5.64 -1.36
CA ILE A 118 -2.73 -5.06 -0.01
C ILE A 118 -2.98 -3.54 -0.09
N HIS A 119 -4.04 -3.08 0.57
CA HIS A 119 -4.44 -1.71 0.43
C HIS A 119 -3.43 -0.76 1.09
N GLY A 120 -3.49 0.51 0.72
CA GLY A 120 -2.75 1.57 1.41
C GLY A 120 -3.57 2.31 2.47
N GLY A 121 -3.03 3.44 2.89
CA GLY A 121 -3.53 4.26 3.97
C GLY A 121 -2.52 4.53 5.07
N GLY A 122 -1.24 4.51 4.71
CA GLY A 122 -0.16 4.87 5.61
C GLY A 122 0.01 4.00 6.83
N LEU A 123 -0.45 2.76 6.73
CA LEU A 123 -0.51 1.78 7.82
C LEU A 123 -1.37 2.22 9.00
N MET A 124 -2.14 3.31 8.78
CA MET A 124 -3.02 3.93 9.79
C MET A 124 -4.54 3.79 9.50
N VAL A 125 -4.92 3.69 8.21
CA VAL A 125 -6.28 3.56 7.81
C VAL A 125 -6.31 2.65 6.61
N GLY A 126 -7.51 2.30 6.14
CA GLY A 126 -7.70 1.62 4.87
C GLY A 126 -8.47 0.34 5.12
N ALA A 127 -8.98 -0.25 4.04
CA ALA A 127 -9.79 -1.42 4.12
C ALA A 127 -9.69 -2.23 2.83
N ALA A 128 -9.90 -3.54 2.92
CA ALA A 128 -9.95 -4.40 1.73
C ALA A 128 -11.19 -4.12 0.90
N SER A 129 -12.28 -3.89 1.63
CA SER A 129 -13.59 -3.79 1.06
C SER A 129 -13.74 -2.61 0.14
N THR A 130 -12.88 -1.61 0.27
CA THR A 130 -12.86 -0.44 -0.62
C THR A 130 -12.68 -0.87 -2.09
N TYR A 131 -12.01 -2.00 -2.28
CA TYR A 131 -11.59 -2.43 -3.61
C TYR A 131 -12.41 -3.61 -4.13
N ASP A 132 -13.26 -3.32 -5.12
CA ASP A 132 -14.06 -4.39 -5.77
C ASP A 132 -13.23 -5.15 -6.81
N GLY A 133 -13.01 -6.43 -6.60
CA GLY A 133 -12.21 -7.23 -7.53
C GLY A 133 -12.97 -7.73 -8.76
N LEU A 134 -14.27 -7.43 -8.85
CA LEU A 134 -15.14 -7.96 -9.91
C LEU A 134 -14.63 -7.76 -11.36
N ALA A 135 -14.30 -6.54 -11.71
CA ALA A 135 -13.81 -6.20 -13.05
C ALA A 135 -12.48 -6.84 -13.44
N LEU A 136 -11.50 -6.81 -12.54
CA LEU A 136 -10.18 -7.37 -12.86
C LEU A 136 -10.25 -8.89 -13.01
N ALA A 137 -10.97 -9.51 -12.10
CA ALA A 137 -11.15 -10.94 -12.12
C ALA A 137 -11.81 -11.36 -13.46
N ALA A 138 -12.88 -10.67 -13.86
CA ALA A 138 -13.65 -11.06 -15.05
C ALA A 138 -12.85 -10.73 -16.31
N HIS A 139 -12.34 -9.51 -16.39
CA HIS A 139 -11.66 -9.07 -17.60
C HIS A 139 -10.41 -9.90 -17.87
N GLU A 140 -9.70 -10.29 -16.83
CA GLU A 140 -8.40 -10.94 -17.05
C GLU A 140 -8.30 -12.40 -16.61
N ASN A 141 -9.41 -12.98 -16.14
CA ASN A 141 -9.43 -14.36 -15.62
C ASN A 141 -8.39 -14.70 -14.58
N VAL A 142 -8.35 -13.88 -13.52
CA VAL A 142 -7.48 -14.13 -12.37
C VAL A 142 -8.36 -14.14 -11.11
N VAL A 143 -7.94 -14.88 -10.10
CA VAL A 143 -8.59 -14.87 -8.80
C VAL A 143 -8.03 -13.66 -8.09
N VAL A 144 -8.88 -12.69 -7.76
CA VAL A 144 -8.48 -11.51 -6.96
C VAL A 144 -8.83 -11.68 -5.46
N VAL A 145 -7.84 -11.49 -4.60
CA VAL A 145 -8.02 -11.55 -3.16
C VAL A 145 -7.69 -10.20 -2.49
N THR A 146 -8.63 -9.61 -1.75
CA THR A 146 -8.29 -8.37 -0.98
C THR A 146 -8.15 -8.74 0.52
N ILE A 147 -7.11 -8.23 1.19
CA ILE A 147 -6.74 -8.69 2.52
C ILE A 147 -6.75 -7.55 3.50
N GLN A 148 -7.00 -7.85 4.76
CA GLN A 148 -6.88 -6.81 5.79
C GLN A 148 -5.79 -7.21 6.73
N TYR A 149 -5.33 -6.22 7.49
CA TYR A 149 -4.18 -6.38 8.38
C TYR A 149 -4.33 -5.30 9.43
N ARG A 150 -3.85 -5.57 10.64
CA ARG A 150 -3.97 -4.58 11.71
C ARG A 150 -3.26 -3.27 11.36
N LEU A 151 -3.88 -2.17 11.81
CA LEU A 151 -3.47 -0.77 11.53
C LEU A 151 -3.17 0.01 12.82
N GLY A 152 -2.46 1.12 12.66
CA GLY A 152 -2.05 1.95 13.76
C GLY A 152 -1.46 1.22 14.92
N ILE A 153 -1.85 1.64 16.10
CA ILE A 153 -1.36 1.05 17.36
C ILE A 153 -1.46 -0.47 17.40
N TRP A 154 -2.62 -0.98 17.02
CA TRP A 154 -2.86 -2.42 16.97
C TRP A 154 -1.90 -3.11 16.01
N GLY A 155 -1.65 -2.47 14.88
CA GLY A 155 -0.77 -3.01 13.81
C GLY A 155 0.72 -2.91 14.04
N PHE A 156 1.13 -1.86 14.72
CA PHE A 156 2.51 -1.44 14.73
C PHE A 156 3.10 -0.94 16.02
N PHE A 157 2.34 -0.99 17.12
CA PHE A 157 2.95 -0.66 18.40
C PHE A 157 4.22 -1.51 18.68
N SER A 158 5.33 -0.83 18.89
CA SER A 158 6.62 -1.48 19.17
C SER A 158 7.32 -0.83 20.37
N THR A 159 7.83 -1.66 21.27
CA THR A 159 8.74 -1.17 22.35
C THR A 159 10.20 -1.31 21.94
N GLY A 160 10.45 -1.87 20.77
CA GLY A 160 11.80 -1.99 20.28
C GLY A 160 12.50 -3.17 20.91
N ASP A 161 11.76 -4.07 21.55
CA ASP A 161 12.38 -5.19 22.25
C ASP A 161 11.35 -6.32 22.30
N GLU A 162 11.71 -7.43 22.91
CA GLU A 162 10.96 -8.66 22.76
C GLU A 162 9.54 -8.65 23.34
N HIS A 163 9.20 -7.66 24.15
CA HIS A 163 7.87 -7.60 24.78
C HIS A 163 6.79 -7.09 23.80
N SER A 164 7.20 -6.24 22.86
CA SER A 164 6.35 -5.85 21.71
C SER A 164 7.25 -5.48 20.50
N ARG A 165 7.66 -6.48 19.74
CA ARG A 165 8.59 -6.23 18.62
C ARG A 165 7.98 -5.30 17.62
N GLY A 166 6.70 -5.53 17.29
CA GLY A 166 6.04 -4.64 16.33
C GLY A 166 5.78 -5.43 15.06
N ASN A 167 5.37 -4.71 14.01
CA ASN A 167 5.12 -5.31 12.68
C ASN A 167 3.97 -6.30 12.64
N TRP A 168 3.06 -6.23 13.61
CA TRP A 168 1.91 -7.15 13.70
C TRP A 168 1.08 -7.14 12.45
N GLY A 169 0.90 -5.94 11.88
CA GLY A 169 0.25 -5.81 10.60
C GLY A 169 0.88 -6.52 9.42
N HIS A 170 2.21 -6.55 9.37
CA HIS A 170 2.91 -7.27 8.30
C HIS A 170 2.85 -8.79 8.57
N LEU A 171 2.93 -9.18 9.85
CA LEU A 171 2.63 -10.60 10.20
C LEU A 171 1.26 -11.04 9.75
N ASP A 172 0.26 -10.14 9.83
CA ASP A 172 -1.06 -10.47 9.34
C ASP A 172 -1.01 -10.67 7.84
N GLN A 173 -0.34 -9.74 7.15
CA GLN A 173 -0.18 -9.85 5.71
C GLN A 173 0.41 -11.22 5.36
N VAL A 174 1.45 -11.65 6.09
CA VAL A 174 2.04 -12.96 5.88
C VAL A 174 1.05 -14.07 6.17
N ALA A 175 0.35 -13.98 7.30
CA ALA A 175 -0.67 -14.95 7.60
C ALA A 175 -1.69 -15.13 6.48
N ALA A 176 -2.11 -14.02 5.85
CA ALA A 176 -3.07 -14.09 4.79
C ALA A 176 -2.49 -14.87 3.57
N LEU A 177 -1.19 -14.69 3.32
CA LEU A 177 -0.50 -15.39 2.23
C LEU A 177 -0.38 -16.91 2.48
N ARG A 178 -0.12 -17.30 3.71
CA ARG A 178 -0.20 -18.73 4.05
C ARG A 178 -1.59 -19.28 3.90
N TRP A 179 -2.62 -18.50 4.25
CA TRP A 179 -3.95 -18.96 4.05
C TRP A 179 -4.20 -19.18 2.57
N VAL A 180 -3.83 -18.20 1.77
CA VAL A 180 -3.95 -18.30 0.33
C VAL A 180 -3.27 -19.58 -0.19
N GLN A 181 -2.01 -19.83 0.16
CA GLN A 181 -1.35 -21.06 -0.27
C GLN A 181 -2.18 -22.29 0.06
N ASP A 182 -2.66 -22.37 1.30
CA ASP A 182 -3.35 -23.56 1.79
C ASP A 182 -4.79 -23.67 1.31
N ASN A 183 -5.35 -22.61 0.75
CA ASN A 183 -6.77 -22.63 0.46
C ASN A 183 -7.22 -22.29 -0.94
N ILE A 184 -6.42 -21.53 -1.68
CA ILE A 184 -6.94 -20.82 -2.84
C ILE A 184 -7.31 -21.77 -4.03
N ALA A 185 -6.70 -22.96 -4.09
CA ALA A 185 -7.09 -24.00 -5.07
C ALA A 185 -8.60 -24.28 -5.03
N SER A 186 -9.21 -24.20 -3.84
CA SER A 186 -10.64 -24.44 -3.73
C SER A 186 -11.46 -23.31 -4.32
N PHE A 187 -10.83 -22.15 -4.59
CA PHE A 187 -11.49 -21.03 -5.27
C PHE A 187 -11.09 -20.89 -6.77
N GLY A 188 -10.45 -21.93 -7.29
CA GLY A 188 -10.05 -21.97 -8.70
C GLY A 188 -8.73 -21.27 -8.95
N GLY A 189 -7.97 -21.07 -7.89
CA GLY A 189 -6.71 -20.34 -7.97
C GLY A 189 -5.54 -21.28 -7.94
N ASN A 190 -4.44 -20.87 -8.56
CA ASN A 190 -3.18 -21.61 -8.46
C ASN A 190 -2.25 -21.14 -7.36
N PRO A 191 -1.92 -22.02 -6.37
CA PRO A 191 -1.02 -21.58 -5.30
C PRO A 191 0.43 -21.52 -5.71
N GLY A 192 0.73 -21.98 -6.93
CA GLY A 192 2.07 -21.82 -7.51
C GLY A 192 2.20 -20.53 -8.31
N SER A 193 1.10 -19.79 -8.47
CA SER A 193 1.16 -18.47 -9.14
C SER A 193 0.42 -17.36 -8.36
N VAL A 194 1.03 -16.93 -7.25
CA VAL A 194 0.54 -15.79 -6.49
C VAL A 194 1.32 -14.48 -6.72
N THR A 195 0.59 -13.46 -7.12
CA THR A 195 1.13 -12.14 -7.25
C THR A 195 0.66 -11.24 -6.11
N ILE A 196 1.58 -10.65 -5.38
CA ILE A 196 1.17 -9.62 -4.42
C ILE A 196 1.26 -8.25 -5.02
N PHE A 197 0.24 -7.44 -4.79
CA PHE A 197 0.30 -6.06 -5.28
C PHE A 197 -0.29 -5.06 -4.30
N GLY A 198 0.21 -3.83 -4.28
CA GLY A 198 -0.27 -2.89 -3.29
C GLY A 198 0.11 -1.48 -3.66
N GLU A 199 -0.62 -0.55 -3.03
CA GLU A 199 -0.50 0.88 -3.38
C GLU A 199 -0.23 1.63 -2.11
N SER A 200 0.78 2.51 -2.16
CA SER A 200 1.15 3.37 -1.05
C SER A 200 1.72 2.50 0.07
N ALA A 201 1.18 2.62 1.29
CA ALA A 201 1.61 1.72 2.38
C ALA A 201 1.52 0.23 1.99
N GLY A 202 0.56 -0.10 1.13
CA GLY A 202 0.45 -1.43 0.49
C GLY A 202 1.62 -1.80 -0.42
N GLY A 203 2.16 -0.83 -1.13
CA GLY A 203 3.39 -0.99 -1.95
C GLY A 203 4.63 -1.15 -1.10
N GLU A 204 4.70 -0.32 -0.05
CA GLU A 204 5.74 -0.48 0.94
C GLU A 204 5.67 -1.89 1.54
N SER A 205 4.47 -2.35 1.86
CA SER A 205 4.32 -3.70 2.46
C SER A 205 4.82 -4.80 1.48
N VAL A 206 4.45 -4.69 0.22
CA VAL A 206 4.95 -5.62 -0.82
C VAL A 206 6.47 -5.58 -0.85
N SER A 207 7.06 -4.39 -0.88
CA SER A 207 8.53 -4.26 -0.84
C SER A 207 9.15 -4.91 0.41
N VAL A 208 8.50 -4.75 1.56
CA VAL A 208 9.03 -5.30 2.82
C VAL A 208 8.89 -6.83 2.77
N LEU A 209 7.80 -7.34 2.18
CA LEU A 209 7.61 -8.78 2.05
C LEU A 209 8.69 -9.44 1.16
N VAL A 210 9.09 -8.71 0.13
CA VAL A 210 10.14 -9.14 -0.81
C VAL A 210 11.44 -9.35 -0.07
N LEU A 211 11.64 -8.54 0.97
CA LEU A 211 12.82 -8.55 1.81
C LEU A 211 12.76 -9.46 3.04
N SER A 212 11.63 -10.10 3.28
CA SER A 212 11.45 -10.82 4.55
C SER A 212 11.49 -12.32 4.35
N PRO A 213 12.34 -13.03 5.13
CA PRO A 213 12.41 -14.50 5.04
C PRO A 213 11.12 -15.20 5.47
N LEU A 214 10.30 -14.52 6.26
CA LEU A 214 9.00 -15.09 6.64
C LEU A 214 8.09 -15.30 5.43
N ALA A 215 8.28 -14.50 4.39
CA ALA A 215 7.41 -14.55 3.23
C ALA A 215 7.94 -15.48 2.12
N LYS A 216 8.93 -16.32 2.43
CA LYS A 216 9.50 -17.20 1.42
C LYS A 216 8.50 -18.20 0.88
N ASN A 217 8.50 -18.41 -0.43
CA ASN A 217 7.56 -19.30 -1.13
C ASN A 217 6.09 -18.96 -0.94
N LEU A 218 5.78 -17.76 -0.47
CA LEU A 218 4.39 -17.30 -0.38
C LEU A 218 3.90 -16.52 -1.60
N PHE A 219 4.81 -16.05 -2.46
CA PHE A 219 4.41 -15.40 -3.71
C PHE A 219 5.48 -15.55 -4.79
N HIS A 220 5.06 -15.36 -6.03
CA HIS A 220 5.93 -15.58 -7.19
C HIS A 220 6.09 -14.37 -8.10
N ARG A 221 5.34 -13.31 -7.82
CA ARG A 221 5.55 -12.00 -8.46
C ARG A 221 5.14 -10.94 -7.48
N ALA A 222 5.63 -9.71 -7.67
CA ALA A 222 5.30 -8.60 -6.81
C ALA A 222 5.17 -7.29 -7.60
N ILE A 223 4.21 -6.47 -7.18
CA ILE A 223 3.97 -5.15 -7.78
C ILE A 223 3.85 -4.17 -6.63
N SER A 224 4.67 -3.13 -6.64
CA SER A 224 4.56 -2.02 -5.67
C SER A 224 4.14 -0.83 -6.49
N GLU A 225 3.01 -0.23 -6.12
CA GLU A 225 2.45 0.99 -6.75
C GLU A 225 2.60 2.20 -5.79
N SER A 226 3.40 3.17 -6.18
CA SER A 226 3.61 4.41 -5.38
C SER A 226 3.97 4.11 -3.92
N GLY A 227 5.01 3.28 -3.70
CA GLY A 227 5.44 2.95 -2.34
C GLY A 227 6.38 1.75 -2.28
N VAL A 228 7.49 1.91 -1.56
CA VAL A 228 8.48 0.88 -1.39
C VAL A 228 9.13 0.94 -0.02
N ALA A 229 10.04 0.02 0.29
CA ALA A 229 10.66 -0.07 1.60
C ALA A 229 11.65 1.06 1.94
N LEU A 230 11.97 1.88 0.94
CA LEU A 230 12.80 3.06 1.11
C LEU A 230 11.95 4.35 1.10
N THR A 231 10.62 4.22 1.07
CA THR A 231 9.73 5.33 1.34
C THR A 231 9.79 5.50 2.87
N SER A 232 10.66 6.42 3.26
CA SER A 232 11.20 6.43 4.59
C SER A 232 10.20 6.88 5.68
N VAL A 233 9.13 7.57 5.29
CA VAL A 233 8.07 7.89 6.25
C VAL A 233 7.47 6.64 6.94
N LEU A 234 7.43 5.49 6.26
CA LEU A 234 6.83 4.27 6.79
C LEU A 234 7.77 3.33 7.57
N VAL A 235 9.07 3.60 7.56
CA VAL A 235 10.04 2.69 8.16
C VAL A 235 10.81 3.43 9.25
N LYS A 236 10.68 2.99 10.48
CA LYS A 236 11.28 3.67 11.61
C LYS A 236 12.62 3.01 11.84
N LYS A 237 13.67 3.81 11.75
CA LYS A 237 15.03 3.43 12.17
C LYS A 237 15.32 4.13 13.51
N GLY A 238 16.36 3.69 14.19
CA GLY A 238 16.72 4.34 15.45
C GLY A 238 15.81 3.91 16.60
N ASP A 239 15.65 4.79 17.59
CA ASP A 239 15.08 4.37 18.87
C ASP A 239 13.60 4.60 18.79
N VAL A 240 12.83 3.52 18.80
CA VAL A 240 11.34 3.59 18.80
C VAL A 240 10.76 3.79 20.18
N LYS A 241 11.58 3.59 21.23
CA LYS A 241 11.07 3.63 22.61
C LYS A 241 10.33 4.94 22.96
N PRO A 242 10.84 6.13 22.58
CA PRO A 242 10.11 7.38 22.87
C PRO A 242 8.70 7.45 22.34
N LEU A 243 8.51 6.93 21.13
CA LEU A 243 7.21 6.85 20.57
C LEU A 243 6.32 5.92 21.40
N ALA A 244 6.83 4.73 21.72
CA ALA A 244 6.08 3.76 22.51
C ALA A 244 5.64 4.40 23.84
N GLU A 245 6.55 5.13 24.45
CA GLU A 245 6.30 5.77 25.75
C GLU A 245 5.28 6.90 25.65
N GLN A 246 5.33 7.65 24.56
CA GLN A 246 4.35 8.73 24.37
C GLN A 246 2.96 8.17 24.16
N ILE A 247 2.87 7.02 23.48
CA ILE A 247 1.57 6.34 23.29
C ILE A 247 1.04 5.81 24.63
N ALA A 248 1.89 5.14 25.39
CA ALA A 248 1.48 4.55 26.66
C ALA A 248 1.03 5.66 27.65
N ILE A 249 1.77 6.77 27.69
CA ILE A 249 1.37 7.93 28.51
C ILE A 249 0.03 8.47 28.02
N THR A 250 -0.13 8.63 26.72
CA THR A 250 -1.39 9.15 26.21
C THR A 250 -2.53 8.21 26.55
N ALA A 251 -2.24 6.92 26.56
CA ALA A 251 -3.24 5.94 26.97
C ALA A 251 -3.50 5.91 28.49
N GLY A 252 -2.63 6.54 29.27
CA GLY A 252 -2.77 6.58 30.73
C GLY A 252 -2.10 5.41 31.38
N CYS A 253 -1.02 4.94 30.76
CA CYS A 253 -0.22 3.81 31.22
C CYS A 253 1.11 4.36 31.69
N LYS A 254 1.73 3.63 32.61
CA LYS A 254 3.04 3.96 33.09
C LYS A 254 4.08 3.36 32.18
N THR A 255 5.29 3.85 32.33
CA THR A 255 6.40 3.53 31.41
C THR A 255 7.57 2.86 32.11
N THR A 256 7.31 2.31 33.30
CA THR A 256 8.35 1.72 34.15
C THR A 256 9.26 0.77 33.38
N THR A 257 8.65 -0.17 32.67
CA THR A 257 9.34 -1.09 31.80
C THR A 257 8.53 -1.33 30.52
N SER A 258 9.15 -1.99 29.56
CA SER A 258 8.50 -2.40 28.32
C SER A 258 7.37 -3.37 28.59
N ALA A 259 7.69 -4.45 29.30
CA ALA A 259 6.64 -5.43 29.55
C ALA A 259 5.44 -4.80 30.30
N VAL A 260 5.70 -3.88 31.23
CA VAL A 260 4.61 -3.17 31.93
C VAL A 260 3.79 -2.26 31.04
N MET A 261 4.44 -1.57 30.09
CA MET A 261 3.68 -0.76 29.13
C MET A 261 2.77 -1.63 28.28
N VAL A 262 3.28 -2.77 27.83
CA VAL A 262 2.54 -3.62 26.90
C VAL A 262 1.32 -4.23 27.61
N HIS A 263 1.54 -4.66 28.85
CA HIS A 263 0.48 -5.26 29.66
C HIS A 263 -0.60 -4.25 29.96
N CYS A 264 -0.22 -3.04 30.30
CA CYS A 264 -1.19 -2.00 30.57
C CYS A 264 -1.97 -1.63 29.31
N LEU A 265 -1.31 -1.55 28.15
CA LEU A 265 -2.07 -1.30 26.90
C LEU A 265 -3.02 -2.43 26.52
N ARG A 266 -2.63 -3.67 26.82
CA ARG A 266 -3.50 -4.80 26.65
C ARG A 266 -4.75 -4.79 27.52
N GLN A 267 -4.82 -3.96 28.56
CA GLN A 267 -6.08 -3.87 29.38
C GLN A 267 -7.04 -2.84 28.83
N LYS A 268 -6.55 -1.90 28.02
CA LYS A 268 -7.42 -0.89 27.40
C LYS A 268 -8.47 -1.41 26.43
N THR A 269 -9.63 -0.78 26.43
CA THR A 269 -10.69 -1.07 25.50
C THR A 269 -10.34 -0.56 24.12
N GLU A 270 -10.92 -1.17 23.11
CA GLU A 270 -10.84 -0.67 21.73
C GLU A 270 -11.12 0.82 21.73
N GLU A 271 -12.18 1.22 22.42
CA GLU A 271 -12.54 2.65 22.42
C GLU A 271 -11.45 3.54 23.01
N GLU A 272 -10.76 3.06 24.03
CA GLU A 272 -9.69 3.83 24.67
C GLU A 272 -8.46 3.94 23.74
N LEU A 273 -8.12 2.86 23.05
CA LEU A 273 -7.00 2.91 22.09
C LEU A 273 -7.32 3.77 20.88
N LEU A 274 -8.59 3.87 20.50
CA LEU A 274 -8.99 4.76 19.41
C LEU A 274 -8.92 6.24 19.85
N GLU A 275 -9.44 6.53 21.03
CA GLU A 275 -9.28 7.86 21.63
C GLU A 275 -7.82 8.26 21.63
N THR A 276 -6.95 7.39 22.12
CA THR A 276 -5.50 7.63 22.09
C THR A 276 -4.96 7.91 20.68
N THR A 277 -5.42 7.13 19.72
CA THR A 277 -5.02 7.32 18.33
C THR A 277 -5.38 8.74 17.90
N LEU A 278 -6.61 9.17 18.17
CA LEU A 278 -7.05 10.50 17.77
C LEU A 278 -6.28 11.62 18.46
N LYS A 279 -5.84 11.39 19.70
CA LYS A 279 -5.00 12.39 20.40
C LYS A 279 -3.57 12.39 19.94
N MET A 280 -3.05 11.27 19.47
CA MET A 280 -1.68 11.30 18.88
C MET A 280 -1.60 12.16 17.59
N LYS A 281 -2.74 12.50 17.01
CA LYS A 281 -2.77 13.29 15.80
C LYS A 281 -1.76 12.76 14.76
N PHE A 282 -1.93 11.51 14.38
CA PHE A 282 -1.15 10.93 13.29
C PHE A 282 -1.72 11.47 11.96
N LEU A 283 -1.13 11.06 10.84
CA LEU A 283 -1.56 11.53 9.51
C LEU A 283 -1.71 13.05 9.47
N SER A 284 -0.82 13.74 10.19
CA SER A 284 -0.89 15.18 10.30
C SER A 284 0.48 15.69 10.67
N LEU A 285 0.78 16.91 10.23
CA LEU A 285 2.07 17.48 10.56
C LEU A 285 2.02 18.40 11.76
N ASP A 286 2.73 17.97 12.80
CA ASP A 286 2.95 18.71 14.03
C ASP A 286 3.79 19.96 13.71
N LEU A 287 3.29 21.14 14.09
CA LEU A 287 4.01 22.41 13.86
C LEU A 287 4.70 22.96 15.12
N GLN A 288 5.03 22.07 16.07
CA GLN A 288 5.58 22.50 17.36
C GLN A 288 6.99 21.96 17.59
N GLY A 289 7.71 22.62 18.49
CA GLY A 289 9.11 22.34 18.75
C GLY A 289 9.84 21.71 17.57
N ASP A 290 10.19 20.44 17.73
CA ASP A 290 11.12 19.77 16.83
C ASP A 290 10.40 18.89 15.80
N PRO A 291 10.69 19.09 14.50
CA PRO A 291 10.26 18.16 13.43
C PRO A 291 10.78 16.74 13.58
N ARG A 292 11.98 16.61 14.18
CA ARG A 292 12.63 15.32 14.40
C ARG A 292 11.91 14.44 15.46
N GLU A 293 11.03 15.03 16.27
CA GLU A 293 10.18 14.29 17.23
C GLU A 293 8.76 13.99 16.68
N SER A 294 8.18 14.95 15.96
CA SER A 294 6.86 14.80 15.34
C SER A 294 6.68 13.41 14.71
N GLN A 295 5.58 12.74 15.05
CA GLN A 295 5.29 11.45 14.46
C GLN A 295 3.91 11.42 13.77
N PRO A 296 3.90 11.42 12.42
CA PRO A 296 2.68 11.41 11.62
C PRO A 296 2.12 10.00 11.51
N LEU A 297 3.01 9.04 11.72
CA LEU A 297 2.63 7.68 11.96
C LEU A 297 3.80 6.91 12.57
N LEU A 298 3.42 5.77 13.12
CA LEU A 298 4.31 4.71 13.44
C LEU A 298 4.18 3.76 12.25
N GLY A 299 4.94 2.69 12.24
CA GLY A 299 4.99 1.89 11.08
C GLY A 299 5.97 0.77 11.17
N THR A 300 6.54 0.44 10.03
CA THR A 300 7.40 -0.71 9.94
C THR A 300 8.62 -0.46 10.84
N VAL A 301 9.05 -1.45 11.62
CA VAL A 301 10.31 -1.34 12.39
C VAL A 301 11.23 -2.49 12.00
N ILE A 302 12.49 -2.41 12.41
CA ILE A 302 13.43 -3.52 12.23
C ILE A 302 13.26 -4.39 13.50
N ASP A 303 12.48 -5.45 13.39
CA ASP A 303 12.06 -6.18 14.59
C ASP A 303 12.89 -7.44 14.89
N GLY A 304 13.63 -7.95 13.89
CA GLY A 304 14.41 -9.16 14.05
C GLY A 304 13.65 -10.46 13.73
N MET A 305 12.36 -10.37 13.39
CA MET A 305 11.60 -11.54 12.91
C MET A 305 11.21 -11.34 11.45
N LEU A 306 10.39 -10.33 11.18
CA LEU A 306 10.07 -9.97 9.79
C LEU A 306 11.27 -9.39 9.01
N LEU A 307 11.82 -8.28 9.53
CA LEU A 307 13.07 -7.71 9.03
C LEU A 307 14.21 -7.87 10.04
N LEU A 308 15.27 -8.52 9.57
CA LEU A 308 16.49 -8.72 10.36
C LEU A 308 17.39 -7.49 10.40
N LYS A 309 17.45 -6.76 9.29
CA LYS A 309 18.23 -5.52 9.20
C LYS A 309 17.41 -4.52 8.43
N THR A 310 17.92 -3.30 8.27
CA THR A 310 17.25 -2.26 7.47
C THR A 310 17.18 -2.66 6.00
N PRO A 311 16.14 -2.19 5.26
CA PRO A 311 16.04 -2.51 3.84
C PRO A 311 17.34 -2.20 3.07
N GLU A 312 17.95 -1.06 3.38
CA GLU A 312 19.21 -0.62 2.81
C GLU A 312 20.27 -1.73 2.94
N GLU A 313 20.43 -2.27 4.15
CA GLU A 313 21.40 -3.35 4.36
C GLU A 313 21.00 -4.67 3.68
N LEU A 314 19.71 -4.96 3.61
CA LEU A 314 19.26 -6.24 3.06
C LEU A 314 19.44 -6.27 1.55
N GLN A 315 19.34 -5.09 0.95
CA GLN A 315 19.51 -4.97 -0.49
C GLN A 315 20.97 -5.25 -0.85
N ALA A 316 21.87 -4.59 -0.16
CA ALA A 316 23.31 -4.87 -0.34
C ALA A 316 23.62 -6.36 -0.15
N GLU A 317 23.00 -7.00 0.84
CA GLU A 317 23.26 -8.43 1.07
C GLU A 317 22.66 -9.38 0.03
N ARG A 318 21.62 -8.92 -0.67
CA ARG A 318 20.99 -9.68 -1.74
C ARG A 318 20.39 -11.00 -1.33
N ASN A 319 19.93 -11.11 -0.09
CA ASN A 319 19.27 -12.34 0.39
C ASN A 319 17.76 -12.37 0.12
N PHE A 320 17.22 -11.34 -0.52
CA PHE A 320 15.77 -11.20 -0.66
C PHE A 320 15.25 -12.09 -1.76
N HIS A 321 13.92 -12.09 -1.93
CA HIS A 321 13.23 -12.92 -2.92
C HIS A 321 13.31 -12.34 -4.33
N THR A 322 14.05 -13.03 -5.20
CA THR A 322 14.35 -12.50 -6.52
C THR A 322 13.26 -12.81 -7.49
N VAL A 323 12.00 -12.58 -7.10
CA VAL A 323 10.87 -12.78 -7.98
C VAL A 323 10.70 -11.62 -8.95
N PRO A 324 9.92 -11.83 -10.00
CA PRO A 324 9.69 -10.68 -10.87
C PRO A 324 8.93 -9.58 -10.15
N TYR A 325 9.42 -8.34 -10.31
CA TYR A 325 8.96 -7.18 -9.54
C TYR A 325 8.76 -5.96 -10.43
N MET A 326 7.54 -5.47 -10.40
CA MET A 326 7.15 -4.26 -11.07
C MET A 326 7.07 -3.19 -10.00
N VAL A 327 7.81 -2.10 -10.20
CA VAL A 327 7.80 -0.96 -9.33
C VAL A 327 7.42 0.25 -10.14
N GLY A 328 6.38 0.95 -9.71
CA GLY A 328 5.97 2.15 -10.44
C GLY A 328 5.56 3.31 -9.57
N ILE A 329 5.42 4.44 -10.24
CA ILE A 329 5.06 5.69 -9.59
C ILE A 329 4.18 6.53 -10.51
N ASN A 330 3.57 7.54 -9.94
CA ASN A 330 2.71 8.43 -10.66
C ASN A 330 3.43 9.73 -10.86
N LYS A 331 2.98 10.51 -11.84
CA LYS A 331 3.70 11.71 -12.26
C LYS A 331 3.77 12.76 -11.18
N GLN A 332 2.70 12.91 -10.39
CA GLN A 332 2.70 13.90 -9.33
C GLN A 332 2.21 13.31 -8.05
N GLU A 333 3.09 12.55 -7.40
CA GLU A 333 2.70 11.80 -6.22
C GLU A 333 2.24 12.71 -5.06
N PHE A 334 2.71 13.96 -5.03
CA PHE A 334 2.30 14.82 -3.94
C PHE A 334 1.50 16.00 -4.46
N GLY A 335 0.82 15.80 -5.58
CA GLY A 335 0.12 16.88 -6.26
C GLY A 335 -1.16 17.39 -5.57
N TRP A 336 -1.94 16.52 -4.92
CA TRP A 336 -3.18 16.95 -4.24
C TRP A 336 -3.59 16.03 -3.07
N LEU A 337 -3.82 14.78 -3.40
CA LEU A 337 -4.36 13.85 -2.41
C LEU A 337 -3.66 13.88 -1.03
N ILE A 338 -2.35 13.63 -1.00
CA ILE A 338 -1.65 13.41 0.26
C ILE A 338 -1.60 14.70 1.11
N PRO A 339 -1.21 15.84 0.50
CA PRO A 339 -1.26 17.06 1.34
C PRO A 339 -2.67 17.40 1.84
N MET A 340 -3.71 17.19 1.04
CA MET A 340 -5.07 17.49 1.48
C MET A 340 -5.40 16.67 2.73
N LEU A 341 -5.01 15.39 2.71
CA LEU A 341 -5.25 14.46 3.81
C LEU A 341 -4.52 14.75 5.12
N MET A 342 -3.38 15.41 5.06
CA MET A 342 -2.62 15.75 6.27
C MET A 342 -2.83 17.19 6.67
N SER A 343 -3.79 17.85 6.01
CA SER A 343 -3.97 19.29 6.11
C SER A 343 -2.60 19.95 6.06
N TYR A 344 -1.92 19.75 4.93
CA TYR A 344 -0.55 20.23 4.78
C TYR A 344 -0.57 21.77 4.68
N PRO A 345 0.43 22.47 5.29
CA PRO A 345 0.57 23.94 5.24
C PRO A 345 0.51 24.63 3.87
N LEU A 346 0.55 23.86 2.79
CA LEU A 346 0.09 24.32 1.48
C LEU A 346 -1.25 25.04 1.65
N SER A 347 -1.34 26.27 1.16
CA SER A 347 -2.62 26.99 1.10
C SER A 347 -2.59 27.99 -0.05
N GLU A 348 -1.62 28.91 0.00
CA GLU A 348 -1.46 29.96 -1.00
C GLU A 348 -1.21 29.41 -2.39
N GLY A 349 -1.52 30.21 -3.41
CA GLY A 349 -1.24 29.86 -4.79
C GLY A 349 0.25 29.84 -5.10
N GLN A 350 1.06 30.45 -4.22
CA GLN A 350 2.49 30.59 -4.43
C GLN A 350 3.25 30.23 -3.16
N LEU A 351 4.58 30.30 -3.23
CA LEU A 351 5.45 29.96 -2.10
C LEU A 351 6.89 30.49 -2.31
N ASP A 352 7.40 31.28 -1.36
CA ASP A 352 8.76 31.83 -1.49
C ASP A 352 9.80 30.90 -0.87
N GLN A 353 11.07 31.25 -1.08
CA GLN A 353 12.22 30.41 -0.71
C GLN A 353 12.32 30.12 0.79
N LYS A 354 12.11 31.13 1.62
CA LYS A 354 12.33 31.00 3.06
C LYS A 354 11.25 30.16 3.72
N THR A 355 10.01 30.31 3.27
CA THR A 355 8.95 29.45 3.78
C THR A 355 9.25 28.01 3.36
N ALA A 356 9.60 27.85 2.09
CA ALA A 356 10.00 26.55 1.54
C ALA A 356 10.94 25.76 2.47
N MET A 357 11.96 26.45 2.98
CA MET A 357 12.97 25.83 3.82
C MET A 357 12.45 25.43 5.20
N SER A 358 11.57 26.25 5.77
CA SER A 358 11.00 25.95 7.09
C SER A 358 9.92 24.89 6.94
N LEU A 359 9.15 24.98 5.86
CA LEU A 359 8.20 23.91 5.53
C LEU A 359 8.92 22.57 5.33
N LEU A 360 9.96 22.55 4.51
CA LEU A 360 10.70 21.32 4.34
C LEU A 360 11.20 20.72 5.65
N TRP A 361 11.59 21.59 6.60
CA TRP A 361 12.09 21.14 7.90
C TRP A 361 10.95 20.55 8.72
N LYS A 362 9.83 21.27 8.77
CA LYS A 362 8.64 20.75 9.43
C LYS A 362 8.12 19.51 8.72
N SER A 363 8.53 19.31 7.46
CA SER A 363 8.21 18.12 6.70
C SER A 363 9.11 16.90 6.99
N TYR A 364 10.00 17.00 7.99
CA TYR A 364 11.00 15.95 8.23
C TYR A 364 10.40 14.54 8.39
N PRO A 365 9.23 14.42 9.02
CA PRO A 365 8.58 13.10 9.14
C PRO A 365 8.32 12.43 7.80
N LEU A 366 7.94 13.23 6.80
CA LEU A 366 7.70 12.75 5.43
C LEU A 366 8.96 12.46 4.66
N VAL A 367 9.90 13.39 4.67
CA VAL A 367 11.04 13.35 3.75
C VAL A 367 12.34 13.01 4.43
N CYS A 368 12.39 13.19 5.74
CA CYS A 368 13.50 12.66 6.52
C CYS A 368 14.80 13.33 6.05
N ILE A 369 14.80 14.66 5.92
CA ILE A 369 15.94 15.46 5.42
C ILE A 369 16.55 16.34 6.51
N ALA A 370 17.81 16.10 6.85
CA ALA A 370 18.49 16.87 7.91
C ALA A 370 18.53 18.36 7.61
N LYS A 371 18.67 19.18 8.65
CA LYS A 371 18.55 20.64 8.55
C LYS A 371 19.67 21.29 7.71
N GLU A 372 20.89 20.74 7.80
CA GLU A 372 22.02 21.22 7.01
C GLU A 372 21.81 21.04 5.51
N LEU A 373 21.04 20.04 5.10
CA LEU A 373 20.85 19.76 3.67
C LEU A 373 19.72 20.57 3.04
N ILE A 374 18.88 21.14 3.89
CA ILE A 374 17.66 21.83 3.45
C ILE A 374 17.83 23.06 2.54
N PRO A 375 18.85 23.90 2.80
CA PRO A 375 19.09 25.03 1.87
C PRO A 375 19.45 24.58 0.44
N GLU A 376 20.24 23.53 0.37
CA GLU A 376 20.79 23.03 -0.89
C GLU A 376 19.64 22.41 -1.68
N ALA A 377 18.88 21.57 -0.98
CA ALA A 377 17.76 20.84 -1.57
C ALA A 377 16.79 21.79 -2.18
N THR A 378 16.39 22.81 -1.41
CA THR A 378 15.40 23.81 -1.82
C THR A 378 15.92 24.68 -2.96
N GLU A 379 17.19 25.05 -2.85
CA GLU A 379 17.84 25.83 -3.89
C GLU A 379 17.83 25.02 -5.17
N LYS A 380 18.26 23.77 -5.07
CA LYS A 380 18.28 22.89 -6.22
C LYS A 380 16.98 22.93 -6.99
N TYR A 381 15.86 22.72 -6.28
CA TYR A 381 14.56 22.58 -6.91
C TYR A 381 13.90 23.94 -7.16
N LEU A 382 14.11 24.91 -6.27
CA LEU A 382 13.38 26.17 -6.35
C LEU A 382 14.19 27.38 -6.86
N GLY A 383 15.51 27.21 -6.94
CA GLY A 383 16.42 28.34 -7.18
C GLY A 383 16.48 28.91 -8.60
N GLY A 384 16.13 28.10 -9.59
CA GLY A 384 16.19 28.50 -11.01
C GLY A 384 15.09 29.44 -11.47
N THR A 385 14.27 29.93 -10.55
CA THR A 385 13.18 30.81 -10.93
C THR A 385 12.76 31.67 -9.74
N ASP A 386 12.45 32.94 -10.03
CA ASP A 386 11.92 33.87 -9.02
C ASP A 386 10.39 33.77 -8.96
N ASP A 387 9.78 33.07 -9.91
CA ASP A 387 8.32 32.89 -9.94
C ASP A 387 7.82 32.01 -8.80
N THR A 388 7.09 32.61 -7.84
CA THR A 388 6.65 31.94 -6.61
C THR A 388 5.54 30.90 -6.82
N VAL A 389 4.82 30.99 -7.94
CA VAL A 389 3.78 30.00 -8.25
C VAL A 389 4.46 28.72 -8.76
N LYS A 390 5.53 28.87 -9.54
CA LYS A 390 6.27 27.72 -10.02
C LYS A 390 7.18 27.14 -8.91
N LYS A 391 7.52 27.95 -7.91
CA LYS A 391 8.24 27.45 -6.76
C LYS A 391 7.36 26.41 -6.07
N LYS A 392 6.10 26.75 -5.87
CA LYS A 392 5.14 25.83 -5.28
C LYS A 392 5.10 24.47 -5.99
N ASP A 393 5.19 24.48 -7.31
CA ASP A 393 5.06 23.25 -8.07
C ASP A 393 6.31 22.42 -8.02
N LEU A 394 7.44 23.12 -8.07
CA LEU A 394 8.71 22.46 -7.96
C LEU A 394 8.86 21.86 -6.56
N PHE A 395 8.26 22.49 -5.57
CA PHE A 395 8.37 22.04 -4.22
C PHE A 395 7.60 20.71 -4.03
N LEU A 396 6.40 20.61 -4.60
CA LEU A 396 5.66 19.36 -4.58
C LEU A 396 6.39 18.25 -5.37
N ASP A 397 7.08 18.62 -6.46
CA ASP A 397 7.96 17.69 -7.16
C ASP A 397 9.09 17.21 -6.25
N LEU A 398 9.55 18.10 -5.38
CA LEU A 398 10.63 17.76 -4.48
C LEU A 398 10.17 16.66 -3.52
N ILE A 399 9.11 16.96 -2.78
CA ILE A 399 8.57 16.01 -1.82
C ILE A 399 8.23 14.70 -2.51
N ALA A 400 7.57 14.77 -3.67
CA ALA A 400 7.23 13.55 -4.42
C ALA A 400 8.48 12.69 -4.68
N ASP A 401 9.52 13.35 -5.17
CA ASP A 401 10.78 12.67 -5.54
C ASP A 401 11.48 11.95 -4.38
N VAL A 402 11.48 12.59 -3.23
CA VAL A 402 12.10 12.03 -2.05
C VAL A 402 11.27 10.87 -1.48
N MET A 403 9.95 11.04 -1.43
CA MET A 403 9.07 10.03 -0.85
C MET A 403 8.93 8.79 -1.71
N PHE A 404 8.85 8.97 -3.03
CA PHE A 404 8.47 7.88 -3.95
C PHE A 404 9.42 7.63 -5.11
N GLY A 405 9.72 8.69 -5.86
CA GLY A 405 10.44 8.52 -7.14
C GLY A 405 11.83 7.93 -6.95
N VAL A 406 12.59 8.59 -6.10
CA VAL A 406 13.95 8.16 -5.87
C VAL A 406 13.98 6.79 -5.17
N PRO A 407 13.23 6.63 -4.07
CA PRO A 407 13.25 5.31 -3.43
C PRO A 407 12.89 4.17 -4.35
N SER A 408 11.89 4.39 -5.18
CA SER A 408 11.42 3.38 -6.13
C SER A 408 12.49 2.91 -7.14
N VAL A 409 13.16 3.88 -7.74
CA VAL A 409 14.21 3.57 -8.70
C VAL A 409 15.37 2.87 -8.00
N ILE A 410 15.71 3.34 -6.81
CA ILE A 410 16.73 2.67 -6.04
C ILE A 410 16.39 1.21 -5.76
N VAL A 411 15.16 0.96 -5.32
CA VAL A 411 14.70 -0.39 -5.06
C VAL A 411 14.74 -1.20 -6.34
N ALA A 412 14.19 -0.65 -7.42
CA ALA A 412 14.17 -1.35 -8.68
C ALA A 412 15.63 -1.72 -9.15
N ARG A 413 16.55 -0.76 -9.05
CA ARG A 413 17.95 -1.00 -9.45
C ARG A 413 18.59 -2.09 -8.66
N ASN A 414 18.38 -2.07 -7.34
CA ASN A 414 18.94 -3.08 -6.46
C ASN A 414 18.37 -4.44 -6.73
N HIS A 415 17.10 -4.50 -7.10
CA HIS A 415 16.43 -5.75 -7.38
C HIS A 415 16.90 -6.30 -8.72
N ARG A 416 16.99 -5.42 -9.71
CA ARG A 416 17.63 -5.78 -10.98
C ARG A 416 19.05 -6.31 -10.74
N ASP A 417 19.87 -5.57 -10.02
CA ASP A 417 21.25 -5.99 -9.80
C ASP A 417 21.43 -7.28 -9.00
N ALA A 418 20.42 -7.68 -8.24
CA ALA A 418 20.42 -8.98 -7.58
C ALA A 418 20.13 -10.12 -8.57
N GLY A 419 19.64 -9.78 -9.75
CA GLY A 419 19.44 -10.77 -10.84
C GLY A 419 18.01 -11.05 -11.21
N ALA A 420 17.07 -10.28 -10.65
CA ALA A 420 15.66 -10.50 -10.87
C ALA A 420 15.02 -9.70 -12.01
N PRO A 421 14.12 -10.34 -12.75
CA PRO A 421 13.40 -9.58 -13.75
C PRO A 421 12.64 -8.44 -13.05
N THR A 422 12.87 -7.22 -13.52
CA THR A 422 12.35 -6.01 -12.91
C THR A 422 11.68 -5.15 -13.98
N TYR A 423 10.51 -4.60 -13.69
CA TYR A 423 9.86 -3.64 -14.59
C TYR A 423 9.60 -2.34 -13.84
N MET A 424 9.55 -1.22 -14.57
CA MET A 424 9.10 0.04 -13.98
C MET A 424 8.10 0.77 -14.84
N TYR A 425 7.26 1.59 -14.20
CA TYR A 425 6.36 2.46 -14.95
C TYR A 425 6.31 3.79 -14.26
N GLU A 426 5.91 4.78 -15.03
CA GLU A 426 5.45 6.07 -14.53
C GLU A 426 4.07 6.37 -15.15
N PHE A 427 3.06 6.55 -14.29
CA PHE A 427 1.66 6.70 -14.70
C PHE A 427 1.31 8.20 -14.77
N GLN A 428 0.80 8.62 -15.91
CA GLN A 428 0.47 10.04 -16.06
C GLN A 428 -0.86 10.10 -16.77
N TYR A 429 -1.91 10.31 -15.98
CA TYR A 429 -3.27 10.42 -16.45
C TYR A 429 -4.17 10.95 -15.32
N ARG A 430 -5.20 11.71 -15.66
CA ARG A 430 -6.08 12.27 -14.65
C ARG A 430 -7.47 11.66 -14.81
N PRO A 431 -7.82 10.71 -13.94
CA PRO A 431 -9.08 10.02 -14.01
C PRO A 431 -10.27 10.99 -13.89
N SER A 432 -11.35 10.70 -14.62
CA SER A 432 -12.59 11.46 -14.51
C SER A 432 -13.23 11.28 -13.11
N PHE A 433 -12.92 10.14 -12.49
CA PHE A 433 -13.37 9.84 -11.12
C PHE A 433 -12.71 10.65 -10.02
N SER A 434 -11.65 11.39 -10.36
CA SER A 434 -10.95 12.25 -9.42
C SER A 434 -11.95 13.06 -8.62
N SER A 435 -11.63 13.37 -7.37
CA SER A 435 -12.48 14.29 -6.62
C SER A 435 -12.59 15.63 -7.37
N ASP A 436 -13.73 16.28 -7.20
CA ASP A 436 -13.99 17.58 -7.81
C ASP A 436 -13.13 18.69 -7.24
N MET A 437 -12.56 18.48 -6.05
CA MET A 437 -11.80 19.53 -5.35
C MET A 437 -10.32 19.56 -5.74
N LYS A 438 -9.91 18.55 -6.48
CA LYS A 438 -8.58 18.41 -7.04
C LYS A 438 -8.50 19.23 -8.31
N PRO A 439 -7.49 20.11 -8.45
CA PRO A 439 -7.38 20.90 -9.67
C PRO A 439 -7.18 20.07 -10.92
N LYS A 440 -7.78 20.50 -12.03
CA LYS A 440 -7.75 19.77 -13.31
C LYS A 440 -6.34 19.63 -13.85
N THR A 441 -5.45 20.53 -13.41
CA THR A 441 -4.05 20.50 -13.79
C THR A 441 -3.24 19.45 -13.06
N VAL A 442 -3.77 18.83 -12.01
CA VAL A 442 -3.02 17.79 -11.32
C VAL A 442 -3.23 16.49 -12.05
N ILE A 443 -2.14 15.92 -12.54
CA ILE A 443 -2.21 14.77 -13.41
C ILE A 443 -1.31 13.67 -12.85
N GLY A 444 -1.84 12.47 -12.73
CA GLY A 444 -1.10 11.37 -12.09
C GLY A 444 -0.81 11.65 -10.64
N ASP A 445 -1.86 11.99 -9.91
CA ASP A 445 -1.75 12.19 -8.44
C ASP A 445 -1.59 10.81 -7.78
N HIS A 446 -1.19 10.79 -6.50
CA HIS A 446 -1.16 9.56 -5.69
C HIS A 446 -2.49 8.85 -5.80
N GLY A 447 -2.48 7.57 -6.18
CA GLY A 447 -3.71 6.82 -6.29
C GLY A 447 -4.42 6.79 -7.63
N ASP A 448 -4.12 7.75 -8.50
CA ASP A 448 -4.75 7.87 -9.80
C ASP A 448 -4.71 6.58 -10.62
N GLU A 449 -3.73 5.70 -10.44
CA GLU A 449 -3.67 4.48 -11.26
C GLU A 449 -4.65 3.41 -10.81
N LEU A 450 -5.09 3.50 -9.55
CA LEU A 450 -6.08 2.55 -8.98
C LEU A 450 -7.30 2.38 -9.83
N PHE A 451 -7.77 3.48 -10.46
CA PHE A 451 -9.02 3.41 -11.18
C PHE A 451 -8.83 2.60 -12.41
N SER A 452 -7.61 2.56 -12.93
CA SER A 452 -7.31 1.73 -14.10
C SER A 452 -7.10 0.28 -13.70
N VAL A 453 -6.25 0.06 -12.71
CA VAL A 453 -5.92 -1.29 -12.23
C VAL A 453 -7.18 -2.07 -11.83
N PHE A 454 -8.15 -1.41 -11.18
CA PHE A 454 -9.34 -2.10 -10.67
C PHE A 454 -10.58 -1.95 -11.54
N GLY A 455 -10.45 -1.22 -12.63
CA GLY A 455 -11.52 -1.12 -13.58
C GLY A 455 -12.66 -0.27 -13.18
N ALA A 456 -12.35 0.88 -12.59
CA ALA A 456 -13.42 1.79 -12.25
C ALA A 456 -14.31 2.04 -13.48
N PRO A 457 -13.74 2.14 -14.71
CA PRO A 457 -14.66 2.48 -15.83
C PRO A 457 -15.74 1.44 -16.09
N PHE A 458 -15.49 0.22 -15.69
CA PHE A 458 -16.48 -0.82 -15.79
C PHE A 458 -17.49 -0.87 -14.66
N LEU A 459 -17.29 -0.03 -13.62
CA LEU A 459 -18.18 -0.06 -12.45
C LEU A 459 -18.81 1.29 -12.17
N LYS A 460 -18.06 2.37 -12.32
CA LYS A 460 -18.62 3.70 -12.17
C LYS A 460 -19.09 4.18 -13.54
N GLU A 461 -19.71 5.34 -13.55
CA GLU A 461 -20.22 5.97 -14.77
C GLU A 461 -19.28 7.08 -15.23
N GLY A 462 -19.47 7.57 -16.44
CA GLY A 462 -18.82 8.79 -16.92
C GLY A 462 -17.51 8.64 -17.66
N ALA A 463 -17.00 7.40 -17.74
CA ALA A 463 -15.73 7.13 -18.41
C ALA A 463 -15.75 7.35 -19.94
N SER A 464 -14.77 8.10 -20.48
CA SER A 464 -14.57 8.21 -21.92
C SER A 464 -14.08 6.92 -22.54
N GLU A 465 -14.12 6.86 -23.87
CA GLU A 465 -13.56 5.70 -24.57
C GLU A 465 -12.08 5.55 -24.26
N GLU A 466 -11.39 6.67 -24.12
CA GLU A 466 -9.95 6.63 -23.84
C GLU A 466 -9.69 6.00 -22.47
N GLU A 467 -10.41 6.49 -21.47
CA GLU A 467 -10.34 5.95 -20.08
C GLU A 467 -10.65 4.44 -19.99
N ILE A 468 -11.65 4.00 -20.75
CA ILE A 468 -12.01 2.58 -20.83
C ILE A 468 -10.86 1.72 -21.36
N ARG A 469 -10.31 2.15 -22.50
CA ARG A 469 -9.18 1.45 -23.13
C ARG A 469 -7.94 1.48 -22.22
N LEU A 470 -7.72 2.58 -21.55
CA LEU A 470 -6.62 2.69 -20.59
C LEU A 470 -6.70 1.66 -19.43
N SER A 471 -7.90 1.41 -18.91
CA SER A 471 -8.07 0.40 -17.90
C SER A 471 -7.86 -0.98 -18.45
N LYS A 472 -8.40 -1.27 -19.63
CA LYS A 472 -8.26 -2.58 -20.21
C LYS A 472 -6.80 -2.92 -20.40
N MET A 473 -6.02 -1.94 -20.84
CA MET A 473 -4.59 -2.16 -21.06
C MET A 473 -3.79 -2.37 -19.75
N VAL A 474 -4.09 -1.53 -18.77
CA VAL A 474 -3.46 -1.67 -17.43
C VAL A 474 -3.79 -3.00 -16.76
N MET A 475 -5.03 -3.44 -16.87
CA MET A 475 -5.40 -4.72 -16.29
CA MET A 475 -5.46 -4.72 -16.29
C MET A 475 -4.79 -5.88 -17.00
N LYS A 476 -4.67 -5.77 -18.33
CA LYS A 476 -4.05 -6.85 -19.11
C LYS A 476 -2.55 -6.89 -18.86
N PHE A 477 -1.90 -5.73 -18.73
CA PHE A 477 -0.48 -5.70 -18.35
C PHE A 477 -0.31 -6.34 -16.96
N TRP A 478 -1.15 -5.93 -16.02
CA TRP A 478 -1.01 -6.44 -14.64
C TRP A 478 -1.20 -7.97 -14.57
N ALA A 479 -2.24 -8.45 -15.22
CA ALA A 479 -2.53 -9.88 -15.24
C ALA A 479 -1.54 -10.70 -16.13
N ASN A 480 -1.10 -10.12 -17.23
CA ASN A 480 -0.01 -10.77 -17.98
C ASN A 480 1.21 -10.98 -17.10
N PHE A 481 1.49 -9.99 -16.26
CA PHE A 481 2.62 -10.07 -15.33
C PHE A 481 2.36 -11.17 -14.31
N ALA A 482 1.11 -11.24 -13.84
CA ALA A 482 0.71 -12.28 -12.90
C ALA A 482 0.92 -13.63 -13.54
N ARG A 483 0.56 -13.74 -14.81
CA ARG A 483 0.70 -15.03 -15.52
C ARG A 483 2.17 -15.36 -15.70
N ASN A 484 2.96 -14.39 -16.17
CA ASN A 484 4.27 -14.66 -16.78
C ASN A 484 5.49 -14.02 -16.22
N GLY A 485 5.34 -13.13 -15.24
CA GLY A 485 6.48 -12.38 -14.74
C GLY A 485 6.96 -11.34 -15.72
N ASN A 486 6.08 -10.95 -16.65
CA ASN A 486 6.41 -10.16 -17.85
C ASN A 486 5.10 -9.63 -18.35
N PRO A 487 4.92 -8.31 -18.32
CA PRO A 487 3.60 -7.78 -18.65
C PRO A 487 3.24 -7.83 -20.13
N ASN A 488 4.18 -8.18 -20.99
CA ASN A 488 3.97 -8.01 -22.43
C ASN A 488 2.96 -8.98 -23.01
N GLY A 489 2.26 -8.51 -24.03
CA GLY A 489 1.33 -9.33 -24.77
C GLY A 489 1.00 -8.70 -26.09
N GLU A 490 0.58 -9.54 -27.03
CA GLU A 490 0.23 -9.08 -28.36
C GLU A 490 -0.98 -8.18 -28.25
N GLY A 491 -0.93 -7.01 -28.89
CA GLY A 491 -2.00 -6.03 -28.76
C GLY A 491 -1.66 -4.89 -27.80
N LEU A 492 -0.61 -5.06 -27.02
CA LEU A 492 -0.24 -4.03 -26.05
C LEU A 492 1.07 -3.40 -26.46
N PRO A 493 1.27 -2.12 -26.13
CA PRO A 493 2.56 -1.47 -26.29
C PRO A 493 3.67 -2.28 -25.65
N HIS A 494 4.86 -2.24 -26.25
CA HIS A 494 6.01 -2.97 -25.73
C HIS A 494 6.47 -2.26 -24.45
N TRP A 495 6.72 -3.07 -23.43
CA TRP A 495 7.17 -2.58 -22.15
C TRP A 495 8.54 -3.21 -21.97
N PRO A 496 9.61 -2.41 -22.04
CA PRO A 496 10.94 -3.00 -21.94
C PRO A 496 11.23 -3.45 -20.51
N GLU A 497 12.05 -4.48 -20.37
CA GLU A 497 12.55 -4.86 -19.06
C GLU A 497 13.38 -3.72 -18.50
N TYR A 498 13.28 -3.49 -17.18
CA TYR A 498 14.15 -2.56 -16.49
C TYR A 498 15.50 -3.21 -16.32
N ASN A 499 16.33 -3.07 -17.35
CA ASN A 499 17.66 -3.65 -17.36
C ASN A 499 18.75 -2.58 -17.23
N GLN A 500 19.99 -2.90 -17.63
CA GLN A 500 21.06 -1.92 -17.56
C GLN A 500 20.65 -0.61 -18.26
N LYS A 501 19.84 -0.68 -19.30
CA LYS A 501 19.38 0.54 -20.02
C LYS A 501 18.24 1.28 -19.35
N GLU A 502 17.58 0.63 -18.38
CA GLU A 502 16.60 1.31 -17.55
C GLU A 502 15.35 1.74 -18.30
N GLY A 503 14.95 0.91 -19.26
CA GLY A 503 13.69 1.07 -19.92
C GLY A 503 12.52 0.93 -18.92
N TYR A 504 11.48 1.70 -19.17
CA TYR A 504 10.27 1.73 -18.36
C TYR A 504 9.12 2.21 -19.24
N LEU A 505 7.90 2.15 -18.71
CA LEU A 505 6.76 2.44 -19.49
C LEU A 505 6.05 3.67 -18.98
N GLN A 506 5.84 4.63 -19.87
CA GLN A 506 5.09 5.84 -19.54
C GLN A 506 3.69 5.44 -19.89
N ILE A 507 2.87 5.26 -18.85
CA ILE A 507 1.50 4.83 -18.99
C ILE A 507 0.58 6.04 -18.91
N GLY A 508 -0.31 6.16 -19.87
CA GLY A 508 -1.28 7.24 -19.89
C GLY A 508 -2.02 7.22 -21.21
N ALA A 509 -2.56 8.37 -21.60
CA ALA A 509 -3.27 8.46 -22.89
C ALA A 509 -2.38 7.97 -24.04
N ASN A 510 -1.12 8.40 -24.05
CA ASN A 510 -0.18 7.93 -25.04
C ASN A 510 0.90 7.08 -24.39
N THR A 511 0.62 5.80 -24.28
CA THR A 511 1.49 4.91 -23.57
C THR A 511 2.69 4.55 -24.44
N GLN A 512 3.89 4.88 -23.98
CA GLN A 512 5.11 4.48 -24.68
C GLN A 512 6.32 4.33 -23.81
N ALA A 513 7.27 3.56 -24.32
CA ALA A 513 8.51 3.25 -23.61
C ALA A 513 9.46 4.43 -23.56
N ALA A 514 10.21 4.54 -22.46
CA ALA A 514 11.26 5.53 -22.31
C ALA A 514 12.38 4.95 -21.44
N GLN A 515 13.38 5.77 -21.07
CA GLN A 515 14.52 5.25 -20.31
C GLN A 515 14.98 6.17 -19.21
N LYS A 516 15.63 5.58 -18.19
CA LYS A 516 16.30 6.33 -17.11
C LYS A 516 15.34 7.20 -16.28
N LEU A 517 14.23 6.57 -15.87
CA LEU A 517 13.30 7.19 -14.97
C LEU A 517 14.04 7.75 -13.76
N LYS A 518 13.83 9.04 -13.50
CA LYS A 518 14.41 9.77 -12.37
C LYS A 518 15.95 9.69 -12.24
N ASP A 519 16.64 9.52 -13.36
CA ASP A 519 18.09 9.28 -13.26
C ASP A 519 18.80 10.44 -12.58
N LYS A 520 18.55 11.65 -13.05
CA LYS A 520 19.18 12.79 -12.45
C LYS A 520 18.69 13.12 -11.01
N GLU A 521 17.44 12.85 -10.67
CA GLU A 521 16.98 13.07 -9.28
C GLU A 521 17.67 12.07 -8.36
N VAL A 522 17.80 10.84 -8.82
CA VAL A 522 18.46 9.81 -8.01
C VAL A 522 19.93 10.20 -7.70
N ALA A 523 20.66 10.63 -8.70
CA ALA A 523 22.05 11.04 -8.50
C ALA A 523 22.09 12.21 -7.55
N PHE A 524 21.21 13.20 -7.76
CA PHE A 524 21.21 14.39 -6.90
C PHE A 524 21.02 14.10 -5.42
N TRP A 525 19.94 13.38 -5.10
CA TRP A 525 19.63 13.03 -3.72
C TRP A 525 20.64 12.09 -3.08
N THR A 526 21.07 11.07 -3.79
CA THR A 526 22.04 10.14 -3.26
C THR A 526 23.36 10.83 -2.88
N ASN A 527 23.88 11.63 -3.82
CA ASN A 527 25.07 12.46 -3.54
C ASN A 527 24.84 13.41 -2.38
N LEU A 528 23.66 14.02 -2.29
CA LEU A 528 23.38 14.94 -1.19
C LEU A 528 23.29 14.21 0.19
N PHE A 529 22.58 13.08 0.21
CA PHE A 529 22.44 12.30 1.45
C PHE A 529 23.73 11.62 1.93
N ALA A 530 24.72 11.43 1.05
CA ALA A 530 26.08 11.01 1.46
C ALA A 530 27.05 12.17 1.72
N LYS A 531 26.57 13.36 2.11
CA LYS A 531 27.49 14.50 2.36
C LYS A 531 28.37 14.31 3.60
I IOD B . -3.26 -10.10 29.13
I IOD C . -15.51 0.28 1.56
I IOD D . -15.91 3.59 5.02
I IOD E . -2.09 -2.42 34.33
I IOD F . -18.01 -18.59 -10.83
I IOD G . -20.51 -21.95 11.35
I IOD H . -19.54 -23.53 14.48
I IOD I . 6.73 -14.12 14.64
#